data_5YL3
#
_entry.id   5YL3
#
_cell.length_a   34.575
_cell.length_b   28.706
_cell.length_c   62.702
_cell.angle_alpha   90.000
_cell.angle_beta   106.150
_cell.angle_gamma   90.000
#
_symmetry.space_group_name_H-M   'P 1 21 1'
#
loop_
_entity.id
_entity.type
_entity.pdbx_description
1 polymer Myoglobin
2 non-polymer 'PORPHYCENE CONTAINING MN'
3 non-polymer 'SULFATE ION'
4 water water
#
_entity_poly.entity_id   1
_entity_poly.type   'polypeptide(L)'
_entity_poly.pdbx_seq_one_letter_code
;MGLSDGEWQQVLNVWGKVEADIAGHGQEVLIRLFTGHPETLEKFDKFKHLKTEAEMKASEDLKKHGTVVLTALGGILKKK
GHHEAELKPLAQSHATKHKIPIKYLEFISDAIIHVLHSKHPGDFGADAQGAMTKALELFRNDIAAKYKELGFQG
;
_entity_poly.pdbx_strand_id   A
#
# COMPACT_ATOMS: atom_id res chain seq x y z
N GLY A 2 1.98 -12.00 14.68
CA GLY A 2 0.69 -12.15 13.91
C GLY A 2 -0.40 -11.30 14.53
N LEU A 3 -1.58 -11.33 13.93
CA LEU A 3 -2.75 -10.62 14.38
C LEU A 3 -3.72 -11.62 14.96
N SER A 4 -4.48 -11.19 15.95
CA SER A 4 -5.61 -11.98 16.40
C SER A 4 -6.75 -12.00 15.41
N ASP A 5 -7.70 -12.91 15.61
CA ASP A 5 -8.88 -12.95 14.77
C ASP A 5 -9.62 -11.63 14.79
N GLY A 6 -9.77 -11.09 15.98
CA GLY A 6 -10.42 -9.80 16.15
C GLY A 6 -9.72 -8.69 15.40
N GLU A 7 -8.41 -8.69 15.46
CA GLU A 7 -7.62 -7.69 14.70
C GLU A 7 -7.84 -7.85 13.21
N TRP A 8 -7.75 -9.09 12.73
CA TRP A 8 -8.03 -9.30 11.28
C TRP A 8 -9.41 -8.88 10.85
N GLN A 9 -10.42 -9.07 11.72
CA GLN A 9 -11.74 -8.64 11.38
C GLN A 9 -11.80 -7.12 11.22
N GLN A 10 -11.10 -6.40 12.10
CA GLN A 10 -11.02 -4.95 11.99
C GLN A 10 -10.32 -4.56 10.70
N VAL A 11 -9.22 -5.23 10.37
CA VAL A 11 -8.50 -4.92 9.13
C VAL A 11 -9.43 -5.04 7.96
N LEU A 12 -10.17 -6.14 7.89
CA LEU A 12 -10.98 -6.38 6.72
C LEU A 12 -12.29 -5.55 6.70
N ASN A 13 -12.74 -5.13 7.87
CA ASN A 13 -13.82 -4.16 7.96
C ASN A 13 -13.36 -2.81 7.39
N VAL A 14 -12.19 -2.35 7.82
CA VAL A 14 -11.60 -1.16 7.26
C VAL A 14 -11.44 -1.25 5.74
N TRP A 15 -10.99 -2.40 5.28
CA TRP A 15 -10.72 -2.60 3.87
C TRP A 15 -12.01 -2.44 3.04
N GLY A 16 -13.17 -2.67 3.64
CA GLY A 16 -14.47 -2.49 2.99
C GLY A 16 -14.61 -1.06 2.49
N LYS A 17 -14.07 -0.13 3.25
CA LYS A 17 -14.07 1.29 2.83
C LYS A 17 -13.31 1.49 1.55
N VAL A 18 -12.14 0.81 1.46
CA VAL A 18 -11.29 0.89 0.31
C VAL A 18 -12.00 0.27 -0.88
N GLU A 19 -12.65 -0.87 -0.65
CA GLU A 19 -13.28 -1.58 -1.75
C GLU A 19 -14.42 -0.83 -2.39
N ALA A 20 -15.09 0.02 -1.63
CA ALA A 20 -16.23 0.83 -2.14
C ALA A 20 -15.74 1.83 -3.17
N ASP A 21 -14.51 2.29 -3.03
CA ASP A 21 -13.91 3.27 -3.97
C ASP A 21 -12.43 2.96 -4.12
N ILE A 22 -12.16 1.83 -4.77
CA ILE A 22 -10.77 1.36 -4.86
C ILE A 22 -9.92 2.34 -5.67
N ALA A 23 -10.48 2.89 -6.73
CA ALA A 23 -9.71 3.79 -7.59
C ALA A 23 -9.40 5.14 -6.90
N GLY A 24 -10.34 5.71 -6.17
CA GLY A 24 -10.14 6.96 -5.50
C GLY A 24 -9.19 6.80 -4.30
N HIS A 25 -9.37 5.73 -3.54
CA HIS A 25 -8.38 5.42 -2.50
C HIS A 25 -7.00 5.15 -3.10
N GLY A 26 -6.93 4.38 -4.19
CA GLY A 26 -5.62 4.13 -4.81
C GLY A 26 -4.93 5.35 -5.32
N GLN A 27 -5.71 6.19 -5.97
CA GLN A 27 -5.19 7.46 -6.47
C GLN A 27 -4.65 8.34 -5.32
N GLU A 28 -5.44 8.50 -4.25
CA GLU A 28 -5.03 9.36 -3.15
C GLU A 28 -3.81 8.76 -2.44
N VAL A 29 -3.76 7.44 -2.28
CA VAL A 29 -2.57 6.88 -1.68
C VAL A 29 -1.31 7.16 -2.47
N LEU A 30 -1.37 6.91 -3.79
CA LEU A 30 -0.21 7.17 -4.65
C LEU A 30 0.18 8.64 -4.69
N ILE A 31 -0.80 9.53 -4.70
CA ILE A 31 -0.50 10.95 -4.72
C ILE A 31 0.19 11.36 -3.41
N ARG A 32 -0.36 10.85 -2.30
CA ARG A 32 0.28 11.08 -1.04
C ARG A 32 1.71 10.59 -1.01
N LEU A 33 1.92 9.38 -1.51
CA LEU A 33 3.28 8.84 -1.59
C LEU A 33 4.23 9.69 -2.43
N PHE A 34 3.78 10.02 -3.64
CA PHE A 34 4.60 10.73 -4.59
C PHE A 34 4.89 12.16 -4.16
N THR A 35 3.92 12.81 -3.56
CA THR A 35 4.08 14.18 -3.05
C THR A 35 4.94 14.25 -1.79
N GLY A 36 4.72 13.32 -0.86
CA GLY A 36 5.47 13.30 0.35
C GLY A 36 6.88 12.79 0.18
N HIS A 37 7.11 11.96 -0.86
CA HIS A 37 8.38 11.28 -1.06
C HIS A 37 8.69 11.23 -2.55
N PRO A 38 9.10 12.35 -3.11
CA PRO A 38 9.29 12.40 -4.60
C PRO A 38 10.28 11.40 -5.15
N GLU A 39 11.20 10.89 -4.35
CA GLU A 39 12.12 9.85 -4.79
C GLU A 39 11.34 8.62 -5.29
N THR A 40 10.13 8.38 -4.75
CA THR A 40 9.37 7.22 -5.12
C THR A 40 8.90 7.30 -6.55
N LEU A 41 8.58 8.51 -6.99
CA LEU A 41 8.06 8.78 -8.32
C LEU A 41 9.11 8.42 -9.38
N GLU A 42 10.38 8.60 -9.02
CA GLU A 42 11.49 8.25 -9.93
C GLU A 42 11.64 6.80 -10.32
N LYS A 43 11.09 5.89 -9.51
CA LYS A 43 11.05 4.45 -9.82
C LYS A 43 9.96 3.96 -10.77
N PHE A 44 9.09 4.85 -11.22
CA PHE A 44 8.07 4.51 -12.16
C PHE A 44 8.37 5.28 -13.43
N ASP A 45 8.82 4.58 -14.46
CA ASP A 45 8.92 5.20 -15.79
C ASP A 45 7.61 5.80 -16.25
N LYS A 46 6.51 5.13 -15.97
CA LYS A 46 5.23 5.67 -16.39
C LYS A 46 4.68 6.84 -15.54
N PHE A 47 5.39 7.27 -14.50
CA PHE A 47 4.93 8.42 -13.74
C PHE A 47 5.99 9.47 -13.53
N LYS A 48 7.23 9.20 -13.92
CA LYS A 48 8.31 10.10 -13.53
C LYS A 48 8.19 11.43 -14.28
N HIS A 49 7.36 11.48 -15.34
CA HIS A 49 6.96 12.75 -16.00
C HIS A 49 6.12 13.71 -15.14
N LEU A 50 5.40 13.20 -14.14
CA LEU A 50 4.48 14.02 -13.35
C LEU A 50 5.21 14.98 -12.40
N LYS A 51 5.19 16.28 -12.70
CA LYS A 51 5.74 17.33 -11.82
C LYS A 51 4.74 17.81 -10.75
N THR A 52 3.44 17.81 -11.04
CA THR A 52 2.43 18.40 -10.14
C THR A 52 1.38 17.44 -9.66
N GLU A 53 0.86 17.68 -8.47
CA GLU A 53 -0.33 16.98 -8.00
C GLU A 53 -1.53 17.10 -8.95
N ALA A 54 -1.74 18.27 -9.60
CA ALA A 54 -2.80 18.35 -10.59
C ALA A 54 -2.63 17.36 -11.73
N GLU A 55 -1.40 17.23 -12.21
CA GLU A 55 -1.04 16.28 -13.26
C GLU A 55 -1.31 14.85 -12.78
N MET A 56 -0.91 14.59 -11.54
CA MET A 56 -1.12 13.26 -10.96
C MET A 56 -2.61 13.02 -10.85
N LYS A 57 -3.34 14.03 -10.36
CA LYS A 57 -4.78 13.97 -10.24
C LYS A 57 -5.48 13.75 -11.57
N ALA A 58 -4.94 14.37 -12.63
CA ALA A 58 -5.48 14.25 -13.98
C ALA A 58 -5.07 12.96 -14.69
N SER A 59 -4.12 12.20 -14.14
CA SER A 59 -3.63 10.99 -14.80
C SER A 59 -4.55 9.81 -14.60
N GLU A 60 -5.22 9.35 -15.66
CA GLU A 60 -6.07 8.16 -15.52
C GLU A 60 -5.24 6.87 -15.32
N ASP A 61 -4.01 6.87 -15.84
CA ASP A 61 -3.12 5.73 -15.68
C ASP A 61 -2.62 5.64 -14.24
N LEU A 62 -2.47 6.79 -13.57
CA LEU A 62 -2.16 6.76 -12.11
C LEU A 62 -3.28 6.10 -11.33
N LYS A 63 -4.54 6.50 -11.58
CA LYS A 63 -5.66 5.89 -10.91
C LYS A 63 -5.74 4.39 -11.22
N LYS A 64 -5.50 4.04 -12.48
CA LYS A 64 -5.41 2.67 -12.90
C LYS A 64 -4.41 1.86 -12.09
N HIS A 65 -3.22 2.41 -11.98
CA HIS A 65 -2.20 1.75 -11.17
C HIS A 65 -2.56 1.70 -9.70
N GLY A 66 -3.18 2.76 -9.20
CA GLY A 66 -3.68 2.68 -7.84
C GLY A 66 -4.63 1.50 -7.62
N THR A 67 -5.52 1.26 -8.58
CA THR A 67 -6.39 0.08 -8.51
C THR A 67 -5.58 -1.20 -8.49
N VAL A 68 -4.55 -1.30 -9.32
CA VAL A 68 -3.71 -2.52 -9.36
C VAL A 68 -3.01 -2.75 -8.00
N VAL A 69 -2.44 -1.68 -7.46
CA VAL A 69 -1.67 -1.80 -6.20
C VAL A 69 -2.61 -2.19 -5.05
N LEU A 70 -3.74 -1.50 -4.92
CA LEU A 70 -4.66 -1.86 -3.80
C LEU A 70 -5.41 -3.15 -4.00
N THR A 71 -5.63 -3.58 -5.24
CA THR A 71 -6.15 -4.90 -5.47
C THR A 71 -5.20 -5.96 -5.00
N ALA A 72 -3.93 -5.78 -5.31
CA ALA A 72 -2.89 -6.72 -4.86
C ALA A 72 -2.81 -6.76 -3.33
N LEU A 73 -2.76 -5.58 -2.70
CA LEU A 73 -2.70 -5.57 -1.24
C LEU A 73 -3.96 -6.16 -0.63
N GLY A 74 -5.14 -5.89 -1.18
CA GLY A 74 -6.38 -6.45 -0.65
C GLY A 74 -6.35 -7.97 -0.66
N GLY A 75 -5.90 -8.54 -1.76
CA GLY A 75 -5.74 -10.01 -1.87
C GLY A 75 -4.82 -10.58 -0.84
N ILE A 76 -3.72 -9.89 -0.58
CA ILE A 76 -2.83 -10.27 0.48
C ILE A 76 -3.50 -10.21 1.86
N LEU A 77 -4.13 -9.08 2.17
CA LEU A 77 -4.76 -8.93 3.49
C LEU A 77 -5.85 -9.96 3.72
N LYS A 78 -6.59 -10.34 2.69
CA LYS A 78 -7.64 -11.34 2.85
C LYS A 78 -7.14 -12.74 3.10
N LYS A 79 -5.82 -12.95 2.95
CA LYS A 79 -5.24 -14.23 3.39
C LYS A 79 -4.90 -14.26 4.87
N LYS A 80 -5.05 -13.14 5.56
CA LYS A 80 -4.83 -13.05 7.01
C LYS A 80 -3.54 -13.71 7.41
N GLY A 81 -2.46 -13.28 6.74
CA GLY A 81 -1.11 -13.78 7.09
C GLY A 81 -0.64 -15.02 6.35
N HIS A 82 -1.55 -15.77 5.72
CA HIS A 82 -1.19 -16.95 4.95
C HIS A 82 -0.97 -16.55 3.51
N HIS A 83 0.06 -15.74 3.31
CA HIS A 83 0.22 -14.97 2.05
C HIS A 83 1.55 -15.21 1.32
N GLU A 84 2.25 -16.29 1.64
CA GLU A 84 3.51 -16.57 0.97
C GLU A 84 3.45 -16.52 -0.54
N ALA A 85 2.46 -17.17 -1.13
CA ALA A 85 2.40 -17.28 -2.57
C ALA A 85 2.15 -15.96 -3.23
N GLU A 86 1.39 -15.12 -2.55
CA GLU A 86 1.02 -13.79 -3.05
C GLU A 86 2.14 -12.81 -2.93
N LEU A 87 2.92 -12.95 -1.88
CA LEU A 87 3.92 -11.99 -1.51
C LEU A 87 5.23 -12.29 -2.20
N LYS A 88 5.57 -13.56 -2.34
CA LYS A 88 6.82 -13.93 -2.98
C LYS A 88 7.11 -13.23 -4.34
N PRO A 89 6.20 -13.30 -5.33
CA PRO A 89 6.50 -12.71 -6.61
C PRO A 89 6.64 -11.21 -6.53
N LEU A 90 5.93 -10.59 -5.61
CA LEU A 90 6.00 -9.12 -5.47
C LEU A 90 7.33 -8.74 -4.88
N ALA A 91 7.69 -9.42 -3.81
CA ALA A 91 9.02 -9.23 -3.27
C ALA A 91 10.11 -9.35 -4.31
N GLN A 92 10.06 -10.37 -5.17
CA GLN A 92 11.08 -10.61 -6.14
C GLN A 92 11.05 -9.58 -7.25
N SER A 93 9.86 -9.17 -7.72
CA SER A 93 9.89 -8.16 -8.79
C SER A 93 10.29 -6.80 -8.24
N HIS A 94 9.91 -6.52 -7.00
CA HIS A 94 10.21 -5.20 -6.46
C HIS A 94 11.66 -5.03 -6.04
N ALA A 95 12.27 -6.10 -5.54
CA ALA A 95 13.71 -6.06 -5.20
C ALA A 95 14.54 -6.13 -6.48
N THR A 96 14.21 -7.04 -7.38
CA THR A 96 15.16 -7.31 -8.47
C THR A 96 14.93 -6.44 -9.67
N LYS A 97 13.68 -6.21 -10.05
CA LYS A 97 13.39 -5.48 -11.29
C LYS A 97 13.21 -4.02 -10.99
N HIS A 98 12.30 -3.71 -10.06
CA HIS A 98 11.94 -2.29 -9.83
C HIS A 98 12.92 -1.59 -8.91
N LYS A 99 13.66 -2.36 -8.11
CA LYS A 99 14.70 -1.84 -7.24
C LYS A 99 14.12 -0.83 -6.23
N ILE A 100 13.10 -1.29 -5.54
CA ILE A 100 12.37 -0.47 -4.54
C ILE A 100 12.92 -0.74 -3.16
N PRO A 101 13.50 0.28 -2.52
CA PRO A 101 13.93 0.08 -1.14
C PRO A 101 12.75 -0.24 -0.20
N ILE A 102 13.01 -1.09 0.81
CA ILE A 102 11.96 -1.48 1.75
C ILE A 102 11.38 -0.25 2.45
N LYS A 103 12.16 0.82 2.65
CA LYS A 103 11.64 2.08 3.18
C LYS A 103 10.44 2.59 2.41
N TYR A 104 10.38 2.36 1.10
CA TYR A 104 9.22 2.82 0.36
C TYR A 104 7.96 2.09 0.76
N LEU A 105 8.07 0.84 1.22
CA LEU A 105 6.87 0.16 1.73
C LEU A 105 6.42 0.79 3.05
N GLU A 106 7.34 1.30 3.88
CA GLU A 106 6.97 2.07 5.07
C GLU A 106 6.25 3.34 4.60
N PHE A 107 6.81 4.03 3.62
CA PHE A 107 6.15 5.27 3.15
C PHE A 107 4.68 4.99 2.69
N ILE A 108 4.45 3.93 1.94
CA ILE A 108 3.11 3.66 1.43
C ILE A 108 2.19 3.23 2.56
N SER A 109 2.72 2.52 3.56
CA SER A 109 1.95 2.15 4.74
C SER A 109 1.43 3.38 5.45
N ASP A 110 2.32 4.34 5.69
CA ASP A 110 1.99 5.59 6.27
C ASP A 110 0.95 6.33 5.40
N ALA A 111 1.11 6.33 4.08
CA ALA A 111 0.18 6.98 3.20
C ALA A 111 -1.23 6.38 3.29
N ILE A 112 -1.31 5.05 3.39
CA ILE A 112 -2.59 4.40 3.56
C ILE A 112 -3.29 4.87 4.84
N ILE A 113 -2.58 4.90 5.95
CA ILE A 113 -3.18 5.33 7.21
C ILE A 113 -3.63 6.79 7.10
N HIS A 114 -2.79 7.65 6.50
CA HIS A 114 -3.18 9.02 6.25
C HIS A 114 -4.49 9.12 5.43
N VAL A 115 -4.53 8.43 4.31
CA VAL A 115 -5.67 8.54 3.39
C VAL A 115 -6.94 8.04 4.05
N LEU A 116 -6.85 6.96 4.83
CA LEU A 116 -8.03 6.48 5.55
C LEU A 116 -8.56 7.52 6.50
N HIS A 117 -7.72 8.19 7.29
CA HIS A 117 -8.23 9.25 8.14
C HIS A 117 -8.74 10.45 7.32
N SER A 118 -8.14 10.69 6.15
CA SER A 118 -8.55 11.84 5.35
C SER A 118 -9.93 11.66 4.74
N LYS A 119 -10.17 10.46 4.27
CA LYS A 119 -11.42 10.09 3.64
C LYS A 119 -12.50 9.69 4.60
N HIS A 120 -12.16 9.25 5.82
CA HIS A 120 -13.10 8.71 6.78
C HIS A 120 -12.83 9.27 8.20
N PRO A 121 -12.75 10.62 8.30
CA PRO A 121 -12.37 11.18 9.57
C PRO A 121 -13.40 10.89 10.63
N GLY A 122 -12.93 10.43 11.79
CA GLY A 122 -13.85 10.03 12.84
C GLY A 122 -14.45 8.66 12.67
N ASP A 123 -14.19 7.98 11.54
CA ASP A 123 -14.70 6.66 11.28
C ASP A 123 -13.58 5.62 11.10
N PHE A 124 -12.38 5.93 11.59
CA PHE A 124 -11.24 4.99 11.53
C PHE A 124 -10.68 5.06 12.96
N GLY A 125 -11.31 4.25 13.81
CA GLY A 125 -11.05 4.30 15.23
C GLY A 125 -9.73 3.77 15.67
N ALA A 126 -9.43 4.00 16.95
CA ALA A 126 -8.12 3.69 17.42
C ALA A 126 -7.85 2.18 17.37
N ASP A 127 -8.84 1.36 17.66
CA ASP A 127 -8.71 -0.09 17.49
C ASP A 127 -8.42 -0.43 16.02
N ALA A 128 -9.17 0.17 15.10
CA ALA A 128 -9.04 -0.09 13.67
C ALA A 128 -7.66 0.34 13.17
N GLN A 129 -7.16 1.49 13.60
CA GLN A 129 -5.82 1.89 13.17
C GLN A 129 -4.78 0.95 13.74
N GLY A 130 -4.91 0.47 14.98
CA GLY A 130 -3.97 -0.47 15.54
C GLY A 130 -3.92 -1.74 14.70
N ALA A 131 -5.08 -2.22 14.32
CA ALA A 131 -5.16 -3.48 13.57
C ALA A 131 -4.61 -3.32 12.17
N MET A 132 -4.94 -2.24 11.47
CA MET A 132 -4.46 -2.01 10.11
C MET A 132 -2.93 -1.80 10.09
N THR A 133 -2.45 -1.09 11.11
CA THR A 133 -1.01 -0.88 11.25
C THR A 133 -0.32 -2.22 11.42
N LYS A 134 -0.81 -3.06 12.34
CA LYS A 134 -0.21 -4.38 12.49
C LYS A 134 -0.20 -5.18 11.20
N ALA A 135 -1.27 -5.10 10.42
CA ALA A 135 -1.30 -5.84 9.17
C ALA A 135 -0.27 -5.35 8.16
N LEU A 136 -0.15 -4.05 8.06
CA LEU A 136 0.79 -3.47 7.12
C LEU A 136 2.22 -3.78 7.62
N GLU A 137 2.45 -3.83 8.93
CA GLU A 137 3.78 -4.18 9.48
C GLU A 137 4.07 -5.64 9.12
N LEU A 138 3.08 -6.53 9.27
CA LEU A 138 3.31 -7.93 8.96
C LEU A 138 3.68 -8.12 7.48
N PHE A 139 2.99 -7.41 6.62
CA PHE A 139 3.28 -7.41 5.19
C PHE A 139 4.75 -6.95 4.98
N ARG A 140 5.12 -5.83 5.57
CA ARG A 140 6.48 -5.31 5.42
C ARG A 140 7.50 -6.30 5.91
N ASN A 141 7.22 -6.90 7.05
CA ASN A 141 8.16 -7.81 7.67
C ASN A 141 8.39 -9.01 6.79
N ASP A 142 7.31 -9.49 6.16
CA ASP A 142 7.45 -10.68 5.32
C ASP A 142 8.10 -10.37 3.99
N ILE A 143 7.84 -9.19 3.45
CA ILE A 143 8.59 -8.69 2.27
C ILE A 143 10.07 -8.56 2.64
N ALA A 144 10.33 -8.00 3.83
CA ALA A 144 11.71 -7.76 4.26
C ALA A 144 12.48 -9.05 4.33
N ALA A 145 11.86 -10.16 4.77
CA ALA A 145 12.54 -11.45 4.86
C ALA A 145 12.96 -11.89 3.43
N LYS A 146 12.13 -11.62 2.45
CA LYS A 146 12.43 -12.00 1.08
C LYS A 146 13.50 -11.10 0.52
N TYR A 147 13.41 -9.83 0.81
CA TYR A 147 14.48 -8.91 0.39
C TYR A 147 15.84 -9.38 0.95
N LYS A 148 15.91 -9.79 2.23
CA LYS A 148 17.17 -10.23 2.79
C LYS A 148 17.72 -11.43 2.05
N GLU A 149 16.86 -12.38 1.71
CA GLU A 149 17.28 -13.50 0.92
C GLU A 149 17.99 -13.06 -0.38
N LEU A 150 17.43 -12.03 -1.03
CA LEU A 150 17.93 -11.50 -2.30
C LEU A 150 19.06 -10.50 -2.14
N GLY A 151 19.42 -10.17 -0.90
CA GLY A 151 20.47 -9.19 -0.63
C GLY A 151 20.12 -7.80 -1.04
N PHE A 152 18.84 -7.46 -1.03
CA PHE A 152 18.51 -6.10 -1.50
C PHE A 152 18.24 -5.19 -0.32
#